data_2YQ3
#
_entry.id   2YQ3
#
_cell.length_a   160.736
_cell.length_b   49.695
_cell.length_c   136.422
_cell.angle_alpha   90.00
_cell.angle_beta   90.00
_cell.angle_gamma   90.00
#
_symmetry.space_group_name_H-M   'P 21 21 2'
#
loop_
_entity.id
_entity.type
_entity.pdbx_description
1 polymer 'BVDV1 E2'
2 non-polymer 2-acetamido-2-deoxy-beta-D-glucopyranose
#
_entity_poly.entity_id   1
_entity_poly.type   'polypeptide(L)'
_entity_poly.pdbx_seq_one_letter_code
;ETGCKPEYSYAIAKNDRIGPLGAEGLTTVWKDYSPEMTLEDTMVIASCRDGKFMYLSRCTRETRYLAILHSRALPTSVVF
KKLFEGQKQGDTVEMDDDFEFGLCPCDAKPIVRGKYNTTLLNGPAFQMVCPIGWTGTVSCMLANRDTLDTAVVRTYRRSR
PFPYRQGCITQKVLGEDLYDCILGGNWTCVTGDQLQYSGGSIESCKWCGFKFQRSEGLPHYPIGKCRLKNETGYRLVDNT
SCNREGVAIVPQGTVKCKIGDTTVQVIALDTKLGPMPCKPYEIISSEGPVEKTACTFNYTKTLKNKYFEPRDSYFQQYML
KGEYQYWFDLEVTDGTK
;
_entity_poly.pdbx_strand_id   A,B
#
# COMPACT_ATOMS: atom_id res chain seq x y z
N CYS A 59 -81.43 -11.26 49.67
CA CYS A 59 -82.11 -10.82 48.47
C CYS A 59 -83.39 -10.06 48.81
N THR A 60 -83.61 -8.90 48.15
CA THR A 60 -84.81 -8.07 48.36
C THR A 60 -85.51 -7.79 47.01
N ARG A 61 -85.56 -8.79 46.12
CA ARG A 61 -86.19 -8.59 44.82
C ARG A 61 -87.71 -8.77 44.91
N GLU A 62 -88.19 -9.67 45.78
CA GLU A 62 -89.62 -9.89 45.93
C GLU A 62 -90.11 -9.41 47.30
N THR A 63 -91.35 -8.86 47.30
CA THR A 63 -92.02 -8.33 48.49
C THR A 63 -92.46 -9.47 49.43
N GLN A 87 -87.84 -4.90 45.40
CA GLN A 87 -87.37 -4.09 44.28
C GLN A 87 -86.62 -4.97 43.27
N LYS A 88 -87.17 -5.09 42.05
CA LYS A 88 -86.58 -5.89 40.96
C LYS A 88 -85.33 -5.21 40.37
N GLN A 89 -85.24 -3.86 40.48
CA GLN A 89 -84.13 -3.05 39.99
C GLN A 89 -82.81 -3.40 40.70
N GLY A 90 -81.74 -3.46 39.93
CA GLY A 90 -80.39 -3.82 40.39
C GLY A 90 -79.71 -2.85 41.33
N ASP A 91 -78.61 -3.33 41.93
CA ASP A 91 -77.77 -2.60 42.88
C ASP A 91 -76.44 -2.18 42.20
N THR A 92 -75.75 -1.18 42.78
CA THR A 92 -74.48 -0.66 42.29
C THR A 92 -73.46 -0.65 43.44
N VAL A 93 -72.26 -1.22 43.22
CA VAL A 93 -71.18 -1.28 44.21
C VAL A 93 -69.87 -0.86 43.55
N GLU A 94 -69.25 0.23 44.05
CA GLU A 94 -67.98 0.71 43.52
C GLU A 94 -66.84 0.00 44.25
N MET A 95 -66.01 -0.73 43.49
CA MET A 95 -64.87 -1.50 43.99
C MET A 95 -63.78 -0.56 44.52
N ASP A 96 -63.46 -0.68 45.81
CA ASP A 96 -62.42 0.14 46.46
C ASP A 96 -61.04 -0.39 46.06
N ASP A 97 -59.97 0.40 46.30
CA ASP A 97 -58.57 0.07 45.97
C ASP A 97 -58.12 -1.28 46.57
N ASP A 98 -58.69 -1.68 47.72
CA ASP A 98 -58.36 -2.93 48.42
C ASP A 98 -59.46 -4.01 48.29
N PHE A 99 -60.49 -3.78 47.44
CA PHE A 99 -61.58 -4.73 47.21
C PHE A 99 -61.05 -5.97 46.50
N GLU A 100 -61.26 -7.14 47.12
CA GLU A 100 -60.82 -8.44 46.62
C GLU A 100 -61.96 -9.47 46.64
N PHE A 101 -62.91 -9.35 47.59
CA PHE A 101 -64.00 -10.32 47.73
C PHE A 101 -65.38 -9.73 47.52
N GLY A 102 -66.22 -10.49 46.81
CA GLY A 102 -67.60 -10.13 46.51
C GLY A 102 -68.50 -11.34 46.46
N LEU A 103 -69.79 -11.14 46.79
CA LEU A 103 -70.81 -12.18 46.76
C LEU A 103 -72.07 -11.62 46.13
N CYS A 104 -72.55 -12.28 45.08
CA CYS A 104 -73.74 -11.86 44.33
C CYS A 104 -75.02 -12.18 45.11
N PRO A 105 -75.98 -11.22 45.24
CA PRO A 105 -77.22 -11.52 45.95
C PRO A 105 -78.16 -12.38 45.11
N CYS A 106 -79.11 -13.05 45.78
CA CYS A 106 -80.15 -13.95 45.21
C CYS A 106 -79.54 -15.16 44.45
N ASP A 107 -78.30 -15.58 44.83
CA ASP A 107 -77.56 -16.70 44.23
C ASP A 107 -77.34 -16.49 42.71
N ALA A 108 -77.16 -15.21 42.30
CA ALA A 108 -76.93 -14.84 40.91
C ALA A 108 -75.50 -15.18 40.48
N LYS A 109 -75.28 -15.43 39.19
CA LYS A 109 -73.95 -15.80 38.72
C LYS A 109 -73.17 -14.54 38.30
N PRO A 110 -71.88 -14.44 38.68
CA PRO A 110 -71.11 -13.23 38.35
C PRO A 110 -70.51 -13.28 36.95
N ILE A 111 -70.88 -12.28 36.12
CA ILE A 111 -70.39 -12.14 34.75
C ILE A 111 -69.38 -10.99 34.76
N VAL A 112 -68.13 -11.34 34.50
CA VAL A 112 -66.99 -10.43 34.51
C VAL A 112 -66.71 -9.91 33.11
N ARG A 113 -66.75 -8.58 32.95
CA ARG A 113 -66.47 -7.87 31.71
C ARG A 113 -65.34 -6.88 31.99
N GLY A 114 -64.10 -7.39 32.05
CA GLY A 114 -62.92 -6.61 32.36
C GLY A 114 -61.79 -6.67 31.35
N LYS A 115 -60.70 -5.92 31.66
CA LYS A 115 -59.47 -5.78 30.87
C LYS A 115 -58.80 -7.14 30.61
N TYR A 116 -58.73 -8.00 31.65
CA TYR A 116 -58.10 -9.33 31.60
C TYR A 116 -58.69 -10.23 32.71
N ASN A 117 -58.31 -11.52 32.73
CA ASN A 117 -58.84 -12.49 33.70
C ASN A 117 -57.98 -12.47 34.99
N THR A 118 -58.62 -12.01 36.09
CA THR A 118 -58.09 -11.96 37.45
C THR A 118 -58.99 -12.72 38.41
N THR A 119 -60.26 -12.81 38.03
CA THR A 119 -61.33 -13.38 38.80
C THR A 119 -61.24 -14.89 38.98
N LEU A 120 -61.62 -15.33 40.18
CA LEU A 120 -61.71 -16.70 40.67
C LEU A 120 -63.12 -16.83 41.21
N LEU A 121 -64.00 -17.48 40.45
CA LEU A 121 -65.44 -17.59 40.78
C LEU A 121 -65.86 -18.96 41.29
N ASN A 122 -66.87 -18.97 42.18
CA ASN A 122 -67.50 -20.15 42.77
C ASN A 122 -68.94 -19.79 43.11
N GLY A 123 -69.88 -20.31 42.32
CA GLY A 123 -71.30 -20.06 42.45
C GLY A 123 -71.62 -18.57 42.39
N PRO A 124 -72.25 -17.99 43.44
CA PRO A 124 -72.50 -16.54 43.44
C PRO A 124 -71.29 -15.71 43.90
N ALA A 125 -70.32 -16.34 44.58
CA ALA A 125 -69.12 -15.67 45.11
C ALA A 125 -68.00 -15.61 44.08
N PHE A 126 -67.21 -14.52 44.13
CA PHE A 126 -66.06 -14.29 43.25
C PHE A 126 -64.93 -13.61 44.04
N GLN A 127 -63.69 -13.82 43.60
CA GLN A 127 -62.49 -13.23 44.20
C GLN A 127 -61.63 -12.53 43.15
N MET A 128 -61.26 -11.28 43.41
CA MET A 128 -60.39 -10.48 42.56
C MET A 128 -58.95 -10.81 42.91
N VAL A 129 -58.38 -11.86 42.29
CA VAL A 129 -57.01 -12.29 42.57
C VAL A 129 -56.02 -11.35 41.89
N CYS A 130 -55.25 -10.61 42.71
CA CYS A 130 -54.22 -9.64 42.33
C CYS A 130 -54.63 -8.75 41.14
N PRO A 131 -55.74 -7.97 41.23
CA PRO A 131 -56.08 -7.09 40.10
C PRO A 131 -55.20 -5.84 40.16
N ILE A 132 -54.15 -5.81 39.33
CA ILE A 132 -53.24 -4.67 39.28
C ILE A 132 -53.37 -4.08 37.88
N GLY A 133 -53.97 -2.90 37.83
CA GLY A 133 -54.25 -2.20 36.58
C GLY A 133 -55.54 -2.64 35.93
N TRP A 134 -56.33 -3.48 36.63
CA TRP A 134 -57.59 -4.03 36.14
C TRP A 134 -58.71 -2.98 36.16
N THR A 135 -59.46 -2.94 35.06
CA THR A 135 -60.62 -2.08 34.86
C THR A 135 -61.75 -2.92 34.25
N GLY A 136 -62.95 -2.75 34.78
CA GLY A 136 -64.11 -3.49 34.31
C GLY A 136 -65.27 -3.60 35.28
N THR A 137 -66.26 -4.43 34.92
CA THR A 137 -67.47 -4.66 35.70
C THR A 137 -67.71 -6.15 35.99
N VAL A 138 -68.32 -6.44 37.15
CA VAL A 138 -68.69 -7.80 37.57
C VAL A 138 -70.20 -7.74 37.86
N SER A 139 -71.00 -8.04 36.83
CA SER A 139 -72.46 -8.00 36.89
C SER A 139 -73.03 -9.33 37.34
N CYS A 140 -73.85 -9.30 38.40
CA CYS A 140 -74.52 -10.46 38.97
C CYS A 140 -75.82 -10.70 38.19
N MET A 141 -75.74 -11.62 37.22
CA MET A 141 -76.86 -11.95 36.34
C MET A 141 -77.69 -13.10 36.91
N LEU A 142 -79.00 -12.85 37.10
CA LEU A 142 -79.95 -13.83 37.62
C LEU A 142 -80.70 -14.45 36.43
N ALA A 143 -80.61 -15.80 36.30
CA ALA A 143 -81.22 -16.51 35.18
C ALA A 143 -82.38 -17.41 35.61
N ASN A 144 -83.36 -17.56 34.70
CA ASN A 144 -84.55 -18.41 34.84
C ASN A 144 -84.63 -19.34 33.61
N ARG A 145 -85.53 -20.33 33.62
CA ARG A 145 -85.70 -21.29 32.52
C ARG A 145 -87.20 -21.55 32.23
N ASP A 146 -87.65 -21.78 30.97
CA ASP A 146 -86.88 -21.91 29.72
C ASP A 146 -86.35 -20.56 29.19
N THR A 147 -87.10 -19.46 29.42
CA THR A 147 -86.76 -18.10 28.98
C THR A 147 -85.37 -17.72 29.50
N LEU A 148 -84.42 -17.49 28.57
CA LEU A 148 -83.02 -17.16 28.88
C LEU A 148 -82.83 -15.68 29.26
N ASP A 149 -83.93 -14.98 29.62
CA ASP A 149 -83.91 -13.58 30.05
C ASP A 149 -83.14 -13.45 31.36
N THR A 150 -82.15 -12.54 31.39
CA THR A 150 -81.30 -12.36 32.55
C THR A 150 -81.33 -10.91 33.02
N ALA A 151 -81.68 -10.73 34.31
CA ALA A 151 -81.77 -9.45 35.00
C ALA A 151 -80.57 -9.27 35.92
N VAL A 152 -79.95 -8.07 35.89
CA VAL A 152 -78.79 -7.74 36.72
C VAL A 152 -79.28 -7.28 38.09
N VAL A 153 -78.97 -8.06 39.15
CA VAL A 153 -79.37 -7.79 40.54
C VAL A 153 -78.34 -6.87 41.24
N ARG A 154 -77.06 -6.93 40.83
CA ARG A 154 -75.97 -6.12 41.38
C ARG A 154 -74.83 -5.98 40.36
N THR A 155 -74.25 -4.77 40.27
CA THR A 155 -73.13 -4.49 39.37
C THR A 155 -71.94 -3.98 40.17
N TYR A 156 -70.85 -4.76 40.19
CA TYR A 156 -69.60 -4.41 40.85
C TYR A 156 -68.77 -3.66 39.82
N ARG A 157 -68.44 -2.38 40.11
CA ARG A 157 -67.74 -1.57 39.11
C ARG A 157 -66.41 -0.98 39.59
N ARG A 158 -65.42 -0.98 38.68
CA ARG A 158 -64.08 -0.42 38.87
C ARG A 158 -63.70 0.28 37.57
N SER A 159 -63.84 1.61 37.55
CA SER A 159 -63.58 2.47 36.39
C SER A 159 -62.09 2.77 36.25
N ARG A 160 -61.44 3.21 37.35
CA ARG A 160 -60.02 3.53 37.37
C ARG A 160 -59.19 2.26 37.64
N PRO A 161 -57.96 2.11 37.09
CA PRO A 161 -57.18 0.88 37.35
C PRO A 161 -56.79 0.73 38.82
N PHE A 162 -56.85 -0.50 39.34
CA PHE A 162 -56.49 -0.83 40.72
C PHE A 162 -55.00 -0.55 40.96
N PRO A 163 -54.60 0.02 42.12
CA PRO A 163 -53.16 0.24 42.39
C PRO A 163 -52.48 -1.08 42.78
N TYR A 164 -51.20 -1.02 43.24
CA TYR A 164 -50.50 -2.22 43.64
C TYR A 164 -51.14 -2.85 44.89
N ARG A 165 -51.48 -4.14 44.78
CA ARG A 165 -52.07 -4.93 45.85
C ARG A 165 -50.93 -5.58 46.65
N GLN A 166 -50.89 -5.32 47.96
CA GLN A 166 -49.85 -5.85 48.84
C GLN A 166 -50.01 -7.37 49.00
N GLY A 167 -48.91 -8.07 48.76
CA GLY A 167 -48.83 -9.52 48.82
C GLY A 167 -48.75 -10.18 47.47
N CYS A 168 -48.92 -9.38 46.40
CA CYS A 168 -48.90 -9.83 45.00
C CYS A 168 -47.50 -9.66 44.39
N ILE A 169 -47.08 -10.65 43.59
CA ILE A 169 -45.78 -10.66 42.92
C ILE A 169 -45.99 -10.18 41.48
N THR A 170 -45.30 -9.08 41.08
CA THR A 170 -45.43 -8.50 39.74
C THR A 170 -44.29 -8.93 38.80
N GLN A 171 -43.63 -10.07 39.08
CA GLN A 171 -42.57 -10.61 38.25
C GLN A 171 -42.76 -12.11 38.02
N LYS A 172 -42.69 -12.55 36.75
CA LYS A 172 -42.87 -13.94 36.34
C LYS A 172 -41.67 -14.43 35.53
N VAL A 173 -41.21 -15.66 35.82
CA VAL A 173 -40.07 -16.28 35.14
C VAL A 173 -40.59 -17.15 34.00
N LEU A 174 -40.15 -16.85 32.76
CA LEU A 174 -40.50 -17.62 31.57
C LEU A 174 -39.21 -18.22 31.01
N GLY A 175 -38.98 -19.48 31.34
CA GLY A 175 -37.76 -20.21 30.97
C GLY A 175 -36.65 -19.82 31.92
N GLU A 176 -35.69 -19.03 31.43
CA GLU A 176 -34.57 -18.52 32.22
C GLU A 176 -34.73 -17.02 32.46
N ASP A 177 -35.44 -16.33 31.53
CA ASP A 177 -35.66 -14.88 31.54
C ASP A 177 -36.77 -14.48 32.51
N LEU A 178 -36.51 -13.44 33.32
CA LEU A 178 -37.46 -12.87 34.29
C LEU A 178 -38.20 -11.70 33.64
N TYR A 179 -39.52 -11.83 33.49
CA TYR A 179 -40.39 -10.84 32.86
C TYR A 179 -41.23 -10.06 33.88
N ASP A 180 -41.54 -8.79 33.57
CA ASP A 180 -42.37 -7.90 34.39
C ASP A 180 -43.84 -8.13 34.07
N CYS A 181 -44.73 -7.88 35.04
CA CYS A 181 -46.18 -8.03 34.84
C CYS A 181 -46.81 -6.64 34.68
N ILE A 182 -47.13 -6.26 33.42
CA ILE A 182 -47.76 -4.97 33.08
C ILE A 182 -49.14 -4.90 33.78
N LEU A 183 -49.89 -6.02 33.74
CA LEU A 183 -51.18 -6.15 34.39
C LEU A 183 -51.19 -7.38 35.30
N GLY A 184 -51.91 -7.27 36.41
CA GLY A 184 -52.08 -8.35 37.39
C GLY A 184 -50.86 -8.72 38.20
N GLY A 185 -50.98 -9.84 38.91
CA GLY A 185 -49.96 -10.42 39.76
C GLY A 185 -50.25 -11.88 40.07
N ASN A 186 -49.27 -12.57 40.70
CA ASN A 186 -49.31 -14.00 41.07
C ASN A 186 -49.62 -14.85 39.81
N TRP A 187 -50.72 -15.60 39.77
CA TRP A 187 -51.07 -16.43 38.61
C TRP A 187 -51.91 -15.65 37.57
N THR A 188 -52.33 -14.42 37.92
CA THR A 188 -53.14 -13.56 37.05
C THR A 188 -52.26 -12.54 36.31
N CYS A 189 -50.92 -12.70 36.42
CA CYS A 189 -49.91 -11.83 35.81
C CYS A 189 -49.99 -11.88 34.28
N VAL A 190 -50.05 -10.69 33.68
CA VAL A 190 -50.06 -10.48 32.23
C VAL A 190 -48.65 -10.00 31.91
N THR A 191 -47.90 -10.85 31.20
CA THR A 191 -46.51 -10.63 30.82
C THR A 191 -46.28 -9.30 30.13
N GLY A 192 -45.19 -8.68 30.54
CA GLY A 192 -44.68 -7.44 29.99
C GLY A 192 -43.25 -7.68 29.56
N ASP A 193 -42.57 -6.64 29.07
CA ASP A 193 -41.19 -6.75 28.60
C ASP A 193 -40.26 -7.29 29.70
N GLN A 194 -39.19 -8.04 29.30
CA GLN A 194 -38.21 -8.68 30.20
C GLN A 194 -37.67 -7.66 31.20
N LEU A 195 -37.76 -8.00 32.50
CA LEU A 195 -37.33 -7.14 33.61
C LEU A 195 -35.90 -6.68 33.42
N GLN A 196 -35.67 -5.38 33.59
CA GLN A 196 -34.34 -4.81 33.42
C GLN A 196 -33.63 -4.64 34.76
N TYR A 197 -32.29 -4.79 34.72
CA TYR A 197 -31.41 -4.67 35.87
C TYR A 197 -31.25 -3.19 36.27
N SER A 198 -31.64 -2.86 37.50
CA SER A 198 -31.53 -1.51 38.07
C SER A 198 -30.34 -1.42 39.03
N GLY A 199 -30.09 -2.52 39.74
CA GLY A 199 -29.00 -2.66 40.71
C GLY A 199 -29.09 -3.94 41.52
N GLY A 200 -28.05 -4.21 42.30
CA GLY A 200 -27.98 -5.39 43.15
C GLY A 200 -26.85 -6.35 42.81
N SER A 201 -26.57 -7.30 43.74
CA SER A 201 -25.51 -8.30 43.60
C SER A 201 -25.92 -9.36 42.57
N ILE A 202 -25.10 -9.50 41.51
CA ILE A 202 -25.32 -10.45 40.41
C ILE A 202 -24.59 -11.77 40.68
N GLU A 203 -25.31 -12.89 40.52
CA GLU A 203 -24.78 -14.23 40.67
C GLU A 203 -23.98 -14.60 39.40
N SER A 204 -24.65 -14.59 38.23
CA SER A 204 -24.06 -14.93 36.94
C SER A 204 -24.66 -14.12 35.78
N CYS A 205 -23.97 -14.10 34.63
CA CYS A 205 -24.39 -13.40 33.42
C CYS A 205 -24.34 -14.36 32.24
N LYS A 206 -25.52 -14.67 31.65
CA LYS A 206 -25.62 -15.55 30.50
C LYS A 206 -25.63 -14.71 29.23
N TRP A 207 -24.59 -14.87 28.41
CA TRP A 207 -24.47 -14.15 27.15
C TRP A 207 -24.06 -15.13 26.06
N CYS A 208 -24.86 -15.17 24.97
CA CYS A 208 -24.70 -16.02 23.79
C CYS A 208 -24.80 -17.53 24.15
N GLY A 209 -25.47 -17.83 25.25
CA GLY A 209 -25.67 -19.19 25.75
C GLY A 209 -24.60 -19.68 26.71
N PHE A 210 -23.64 -18.80 27.07
CA PHE A 210 -22.53 -19.12 27.97
C PHE A 210 -22.60 -18.29 29.25
N LYS A 211 -22.29 -18.92 30.39
CA LYS A 211 -22.33 -18.31 31.72
C LYS A 211 -21.01 -17.66 32.08
N PHE A 212 -21.08 -16.43 32.64
CA PHE A 212 -19.94 -15.61 33.08
C PHE A 212 -20.20 -15.02 34.46
N GLN A 213 -19.18 -15.06 35.33
CA GLN A 213 -19.27 -14.55 36.70
C GLN A 213 -18.26 -13.43 36.96
N ARG A 214 -17.48 -13.03 35.93
CA ARG A 214 -16.42 -12.02 36.03
C ARG A 214 -16.15 -11.32 34.67
N SER A 215 -15.69 -10.06 34.75
CA SER A 215 -15.44 -9.08 33.68
C SER A 215 -14.34 -9.42 32.66
N GLU A 216 -13.38 -10.30 33.02
CA GLU A 216 -12.24 -10.70 32.17
C GLU A 216 -12.68 -11.36 30.84
N GLY A 217 -12.06 -10.91 29.75
CA GLY A 217 -12.30 -11.42 28.39
C GLY A 217 -13.56 -10.94 27.71
N LEU A 218 -14.41 -10.19 28.43
CA LEU A 218 -15.69 -9.68 27.92
C LEU A 218 -15.58 -8.19 27.54
N PRO A 219 -16.38 -7.69 26.55
CA PRO A 219 -16.30 -6.27 26.17
C PRO A 219 -16.66 -5.31 27.31
N HIS A 220 -17.64 -5.70 28.14
CA HIS A 220 -18.12 -4.97 29.30
C HIS A 220 -18.78 -5.95 30.27
N TYR A 221 -19.06 -5.50 31.51
CA TYR A 221 -19.70 -6.33 32.53
C TYR A 221 -20.54 -5.47 33.47
N PRO A 222 -21.82 -5.83 33.76
CA PRO A 222 -22.56 -7.03 33.31
C PRO A 222 -22.99 -7.00 31.83
N ILE A 223 -23.07 -8.19 31.20
CA ILE A 223 -23.43 -8.38 29.79
C ILE A 223 -24.70 -9.21 29.59
N GLY A 224 -25.41 -8.92 28.49
CA GLY A 224 -26.64 -9.61 28.08
C GLY A 224 -27.70 -9.69 29.15
N LYS A 225 -28.01 -10.92 29.61
CA LYS A 225 -29.00 -11.18 30.66
C LYS A 225 -28.29 -11.71 31.91
N CYS A 226 -28.50 -11.05 33.06
CA CYS A 226 -27.84 -11.41 34.31
C CYS A 226 -28.84 -11.74 35.41
N ARG A 227 -28.52 -12.78 36.19
CA ARG A 227 -29.32 -13.27 37.31
C ARG A 227 -28.78 -12.72 38.63
N LEU A 228 -29.67 -12.15 39.46
CA LEU A 228 -29.31 -11.62 40.78
C LEU A 228 -29.25 -12.76 41.80
N LYS A 229 -28.61 -12.54 42.97
CA LYS A 229 -28.48 -13.55 44.03
C LYS A 229 -29.83 -13.89 44.68
N ASN A 230 -30.67 -12.87 44.90
CA ASN A 230 -31.98 -12.98 45.55
C ASN A 230 -33.09 -13.52 44.62
N GLU A 231 -32.78 -13.75 43.31
CA GLU A 231 -33.76 -14.22 42.33
C GLU A 231 -33.29 -15.48 41.57
N THR A 232 -34.21 -16.08 40.77
CA THR A 232 -33.93 -17.28 39.96
C THR A 232 -33.80 -16.97 38.47
N GLY A 233 -34.54 -15.96 38.00
CA GLY A 233 -34.56 -15.52 36.60
C GLY A 233 -33.50 -14.51 36.23
N TYR A 234 -33.19 -14.42 34.93
CA TYR A 234 -32.19 -13.53 34.36
C TYR A 234 -32.85 -12.23 33.88
N ARG A 235 -32.27 -11.07 34.25
CA ARG A 235 -32.73 -9.73 33.91
C ARG A 235 -31.88 -9.15 32.78
N LEU A 236 -32.53 -8.51 31.80
CA LEU A 236 -31.89 -7.88 30.65
C LEU A 236 -31.04 -6.67 31.09
N VAL A 237 -29.74 -6.71 30.79
CA VAL A 237 -28.79 -5.64 31.12
C VAL A 237 -28.51 -4.84 29.84
N ASP A 238 -28.28 -5.54 28.73
CA ASP A 238 -28.00 -4.93 27.43
C ASP A 238 -28.38 -5.88 26.29
N ASN A 239 -28.26 -5.39 25.04
CA ASN A 239 -28.62 -6.14 23.83
C ASN A 239 -27.42 -6.25 22.86
N THR A 240 -26.20 -6.41 23.43
CA THR A 240 -24.98 -6.51 22.62
C THR A 240 -24.93 -7.81 21.82
N SER A 241 -24.51 -7.67 20.55
CA SER A 241 -24.41 -8.74 19.56
C SER A 241 -23.31 -9.74 19.89
N CYS A 242 -23.53 -11.00 19.45
CA CYS A 242 -22.59 -12.10 19.57
C CYS A 242 -21.65 -12.09 18.36
N ASN A 243 -22.13 -11.56 17.21
CA ASN A 243 -21.41 -11.50 15.93
C ASN A 243 -20.56 -10.23 15.78
N ARG A 244 -19.27 -10.32 16.15
CA ARG A 244 -18.28 -9.22 16.04
C ARG A 244 -16.84 -9.74 16.28
N GLU A 245 -15.87 -9.37 15.41
CA GLU A 245 -16.08 -8.55 14.21
C GLU A 245 -16.07 -9.49 13.02
N GLY A 246 -17.23 -10.11 12.78
CA GLY A 246 -17.44 -11.13 11.77
C GLY A 246 -17.34 -12.54 12.34
N VAL A 247 -17.26 -12.66 13.68
CA VAL A 247 -17.16 -13.93 14.41
C VAL A 247 -18.33 -14.02 15.38
N ALA A 248 -19.10 -15.12 15.28
CA ALA A 248 -20.29 -15.39 16.07
C ALA A 248 -20.00 -16.22 17.31
N ILE A 249 -20.49 -15.77 18.48
CA ILE A 249 -20.39 -16.56 19.70
C ILE A 249 -21.73 -17.30 19.77
N VAL A 250 -21.70 -18.58 19.40
CA VAL A 250 -22.88 -19.46 19.29
C VAL A 250 -22.72 -20.66 20.25
N PRO A 251 -23.81 -21.17 20.90
CA PRO A 251 -23.65 -22.33 21.82
C PRO A 251 -23.10 -23.58 21.11
N GLN A 252 -23.44 -23.76 19.82
CA GLN A 252 -22.97 -24.89 18.99
C GLN A 252 -22.16 -24.33 17.82
N GLY A 253 -20.84 -24.34 17.97
CA GLY A 253 -19.91 -23.77 16.99
C GLY A 253 -18.96 -24.73 16.30
N THR A 254 -17.99 -24.14 15.57
CA THR A 254 -16.97 -24.84 14.79
C THR A 254 -15.67 -25.01 15.62
N VAL A 255 -15.16 -23.92 16.21
CA VAL A 255 -13.91 -23.92 16.98
C VAL A 255 -14.17 -23.49 18.44
N LYS A 256 -13.50 -24.17 19.38
CA LYS A 256 -13.54 -23.87 20.81
C LYS A 256 -12.47 -22.83 21.14
N CYS A 257 -12.80 -21.86 22.01
CA CYS A 257 -11.88 -20.80 22.46
C CYS A 257 -12.28 -20.35 23.87
N LYS A 258 -11.38 -19.66 24.59
CA LYS A 258 -11.67 -19.27 25.97
C LYS A 258 -11.87 -17.77 26.17
N ILE A 259 -12.88 -17.44 26.99
CA ILE A 259 -13.22 -16.09 27.44
C ILE A 259 -13.19 -16.17 28.97
N GLY A 260 -12.11 -15.65 29.55
CA GLY A 260 -11.86 -15.68 30.99
C GLY A 260 -11.55 -17.10 31.45
N ASP A 261 -12.59 -17.78 31.95
CA ASP A 261 -12.50 -19.17 32.42
C ASP A 261 -13.50 -20.06 31.66
N THR A 262 -14.44 -19.44 30.93
CA THR A 262 -15.50 -20.09 30.17
C THR A 262 -15.00 -20.60 28.80
N THR A 263 -15.41 -21.83 28.42
CA THR A 263 -15.12 -22.44 27.13
C THR A 263 -16.24 -21.98 26.20
N VAL A 264 -15.86 -21.24 25.14
CA VAL A 264 -16.78 -20.62 24.19
C VAL A 264 -16.60 -21.22 22.77
N GLN A 265 -17.73 -21.49 22.08
CA GLN A 265 -17.75 -22.01 20.71
C GLN A 265 -18.02 -20.85 19.74
N VAL A 266 -17.27 -20.78 18.62
CA VAL A 266 -17.39 -19.68 17.66
C VAL A 266 -17.55 -20.17 16.20
N ILE A 267 -18.26 -19.37 15.37
CA ILE A 267 -18.50 -19.58 13.94
C ILE A 267 -18.12 -18.31 13.18
N ALA A 268 -17.45 -18.46 12.03
CA ALA A 268 -17.06 -17.32 11.19
C ALA A 268 -18.18 -16.95 10.22
N LEU A 269 -18.42 -15.63 10.05
CA LEU A 269 -19.42 -15.10 9.13
C LEU A 269 -18.77 -14.73 7.80
N ASP A 270 -17.57 -14.12 7.87
CA ASP A 270 -16.75 -13.73 6.72
C ASP A 270 -15.34 -14.31 6.83
N THR A 271 -14.60 -14.35 5.71
CA THR A 271 -13.22 -14.85 5.67
C THR A 271 -12.22 -13.68 5.65
N LYS A 272 -12.66 -12.51 6.16
CA LYS A 272 -11.85 -11.28 6.26
C LYS A 272 -10.78 -11.42 7.34
N LEU A 273 -9.65 -10.70 7.18
CA LEU A 273 -8.56 -10.71 8.15
C LEU A 273 -8.96 -9.84 9.35
N GLY A 274 -9.63 -10.48 10.31
CA GLY A 274 -10.13 -9.83 11.51
C GLY A 274 -9.78 -10.52 12.83
N PRO A 275 -9.94 -9.83 13.98
CA PRO A 275 -9.58 -10.46 15.26
C PRO A 275 -10.61 -11.44 15.78
N MET A 276 -10.16 -12.38 16.64
CA MET A 276 -11.01 -13.39 17.30
C MET A 276 -11.45 -12.82 18.66
N PRO A 277 -12.75 -12.91 19.03
CA PRO A 277 -13.20 -12.32 20.31
C PRO A 277 -12.86 -13.16 21.56
N CYS A 278 -11.95 -14.14 21.43
CA CYS A 278 -11.56 -15.02 22.53
C CYS A 278 -10.06 -15.34 22.50
N LYS A 279 -9.57 -15.95 23.59
CA LYS A 279 -8.18 -16.40 23.77
C LYS A 279 -8.08 -17.89 23.36
N PRO A 280 -6.90 -18.44 22.99
CA PRO A 280 -6.87 -19.86 22.58
C PRO A 280 -7.29 -20.84 23.68
N TYR A 281 -8.09 -21.86 23.29
CA TYR A 281 -8.63 -22.90 24.17
C TYR A 281 -7.51 -23.85 24.61
N GLU A 282 -6.70 -24.33 23.64
CA GLU A 282 -5.60 -25.26 23.87
C GLU A 282 -4.41 -24.94 22.96
N ILE A 283 -3.20 -24.83 23.52
CA ILE A 283 -1.99 -24.55 22.76
C ILE A 283 -1.18 -25.86 22.62
N ILE A 284 -0.92 -26.27 21.36
CA ILE A 284 -0.18 -27.50 21.07
C ILE A 284 1.22 -27.14 20.59
N SER A 285 2.24 -27.66 21.29
CA SER A 285 3.65 -27.44 20.95
C SER A 285 4.15 -28.55 20.03
N SER A 286 4.99 -28.20 19.04
CA SER A 286 5.56 -29.13 18.04
C SER A 286 6.45 -30.19 18.68
N ALA A 294 8.64 -31.89 11.89
CA ALA A 294 9.66 -30.93 12.32
C ALA A 294 9.58 -29.63 11.51
N CYS A 295 10.39 -28.61 11.90
CA CYS A 295 10.43 -27.30 11.24
C CYS A 295 11.81 -27.09 10.58
N THR A 296 11.80 -26.86 9.25
CA THR A 296 12.96 -26.59 8.41
C THR A 296 12.68 -25.36 7.55
N PHE A 297 13.67 -24.47 7.37
CA PHE A 297 13.47 -23.25 6.59
C PHE A 297 14.72 -22.79 5.82
N ASN A 298 14.49 -21.92 4.82
CA ASN A 298 15.52 -21.28 3.99
C ASN A 298 15.43 -19.77 4.16
N TYR A 299 16.57 -19.08 4.21
CA TYR A 299 16.59 -17.63 4.36
C TYR A 299 17.67 -16.98 3.49
N THR A 300 17.43 -15.72 3.11
CA THR A 300 18.34 -14.90 2.29
C THR A 300 18.48 -13.51 2.92
N LYS A 301 19.50 -12.74 2.49
CA LYS A 301 19.70 -11.38 2.95
C LYS A 301 18.87 -10.44 2.07
N THR A 302 18.16 -9.51 2.71
CA THR A 302 17.29 -8.53 2.04
C THR A 302 17.41 -7.15 2.72
N LEU A 303 16.69 -6.15 2.20
CA LEU A 303 16.67 -4.80 2.76
C LEU A 303 15.44 -4.65 3.69
N LYS A 304 15.42 -3.59 4.53
CA LYS A 304 14.33 -3.33 5.48
C LYS A 304 12.98 -3.19 4.77
N ASN A 305 12.07 -4.15 5.06
CA ASN A 305 10.71 -4.30 4.55
C ASN A 305 10.68 -4.39 3.00
N LYS A 306 11.77 -4.90 2.41
CA LYS A 306 11.89 -5.10 0.96
C LYS A 306 11.91 -6.61 0.71
N TYR A 307 10.96 -7.09 -0.10
CA TYR A 307 10.77 -8.51 -0.35
C TYR A 307 11.01 -8.93 -1.80
N PHE A 308 11.35 -10.23 -1.96
CA PHE A 308 11.51 -10.90 -3.25
C PHE A 308 10.14 -11.48 -3.61
N GLU A 309 9.81 -11.58 -4.93
CA GLU A 309 8.50 -12.06 -5.45
C GLU A 309 7.91 -13.32 -4.75
N PRO A 310 8.64 -14.43 -4.46
CA PRO A 310 7.95 -15.59 -3.86
C PRO A 310 7.49 -15.39 -2.40
N ARG A 311 6.19 -15.62 -2.21
CA ARG A 311 5.56 -15.63 -0.90
C ARG A 311 5.71 -17.04 -0.39
N ASP A 312 5.86 -17.22 0.94
CA ASP A 312 5.99 -18.56 1.51
C ASP A 312 4.73 -19.35 1.16
N SER A 313 4.90 -20.39 0.31
CA SER A 313 3.86 -21.28 -0.24
C SER A 313 2.75 -21.64 0.76
N TYR A 314 3.12 -21.89 2.02
CA TYR A 314 2.18 -22.26 3.07
C TYR A 314 1.42 -21.03 3.64
N PHE A 315 2.15 -20.02 4.14
CA PHE A 315 1.61 -18.83 4.80
C PHE A 315 0.99 -17.79 3.86
N GLN A 316 1.35 -17.83 2.55
CA GLN A 316 0.86 -16.94 1.48
C GLN A 316 1.16 -15.44 1.77
N GLN A 317 2.30 -15.17 2.45
CA GLN A 317 2.75 -13.83 2.82
C GLN A 317 4.29 -13.74 2.81
N TYR A 318 4.83 -12.53 2.56
CA TYR A 318 6.26 -12.27 2.55
C TYR A 318 6.79 -12.27 3.98
N MET A 319 7.53 -13.32 4.34
CA MET A 319 8.11 -13.51 5.67
C MET A 319 9.35 -12.63 5.82
N LEU A 320 9.19 -11.44 6.43
CA LEU A 320 10.29 -10.48 6.58
C LEU A 320 10.59 -10.12 8.03
N LYS A 321 11.90 -10.07 8.35
CA LYS A 321 12.43 -9.64 9.65
C LYS A 321 13.76 -8.93 9.44
N GLY A 322 13.77 -7.63 9.76
CA GLY A 322 14.93 -6.76 9.65
C GLY A 322 15.57 -6.73 8.28
N GLU A 323 16.65 -7.51 8.11
CA GLU A 323 17.39 -7.62 6.85
C GLU A 323 17.40 -9.06 6.30
N TYR A 324 16.41 -9.90 6.69
CA TYR A 324 16.35 -11.28 6.25
C TYR A 324 14.93 -11.73 5.91
N GLN A 325 14.77 -12.40 4.74
CA GLN A 325 13.51 -12.97 4.27
C GLN A 325 13.54 -14.48 4.47
N TYR A 326 12.41 -15.07 4.89
CA TYR A 326 12.32 -16.50 5.20
C TYR A 326 11.30 -17.25 4.33
N TRP A 327 11.48 -18.58 4.23
CA TRP A 327 10.63 -19.54 3.52
C TRP A 327 10.62 -20.85 4.31
N PHE A 328 9.48 -21.19 4.93
CA PHE A 328 9.34 -22.36 5.78
C PHE A 328 8.82 -23.61 5.06
N ASP A 329 9.20 -24.78 5.59
CA ASP A 329 8.82 -26.12 5.13
C ASP A 329 8.42 -26.94 6.35
N LEU A 330 7.18 -27.47 6.38
CA LEU A 330 6.69 -28.24 7.51
C LEU A 330 6.27 -29.64 7.06
N GLU A 331 7.08 -30.64 7.44
CA GLU A 331 6.90 -32.06 7.07
C GLU A 331 6.57 -32.90 8.31
N TYR B 8 75.68 55.22 -50.64
CA TYR B 8 74.89 54.31 -51.47
C TYR B 8 73.39 54.36 -51.10
N SER B 9 72.54 53.77 -51.96
CA SER B 9 71.09 53.69 -51.76
C SER B 9 70.65 52.22 -51.65
N TYR B 10 69.67 51.94 -50.77
CA TYR B 10 69.14 50.58 -50.58
C TYR B 10 68.32 50.15 -51.79
N ALA B 11 67.53 51.10 -52.35
CA ALA B 11 66.65 50.97 -53.54
C ALA B 11 65.67 49.79 -53.42
N ILE B 12 65.02 49.64 -52.25
CA ILE B 12 64.04 48.60 -51.97
C ILE B 12 62.78 49.30 -51.40
N ALA B 13 61.85 49.68 -52.29
CA ALA B 13 60.60 50.38 -51.94
C ALA B 13 59.39 49.78 -52.65
N LYS B 14 58.21 49.87 -52.02
CA LYS B 14 56.95 49.33 -52.54
C LYS B 14 56.26 50.30 -53.51
N ASN B 15 56.47 51.62 -53.35
CA ASN B 15 55.88 52.65 -54.22
C ASN B 15 56.90 53.76 -54.52
N PRO B 20 57.80 64.45 -47.89
CA PRO B 20 58.63 65.62 -47.55
C PRO B 20 59.96 65.23 -46.87
N LEU B 21 60.02 64.01 -46.31
CA LEU B 21 61.19 63.45 -45.63
C LEU B 21 61.80 62.32 -46.45
N LEU B 26 59.20 52.88 -48.71
CA LEU B 26 60.31 52.00 -48.32
C LEU B 26 59.82 50.78 -47.55
N THR B 27 60.61 49.68 -47.63
CA THR B 27 60.32 48.42 -46.94
C THR B 27 61.52 48.03 -46.03
N THR B 28 62.71 48.63 -46.28
CA THR B 28 63.93 48.39 -45.50
C THR B 28 64.17 49.56 -44.54
N ASP B 41 63.81 42.68 -48.86
CA ASP B 41 62.50 42.70 -48.20
C ASP B 41 61.77 41.34 -48.41
N THR B 42 60.43 41.36 -48.31
CA THR B 42 59.54 40.20 -48.48
C THR B 42 59.47 39.74 -49.95
N MET B 43 59.73 40.65 -50.91
CA MET B 43 59.61 40.34 -52.35
C MET B 43 60.96 40.04 -53.02
N VAL B 44 61.95 40.93 -52.87
CA VAL B 44 63.27 40.76 -53.49
C VAL B 44 64.35 40.52 -52.39
N ILE B 45 65.26 39.56 -52.65
CA ILE B 45 66.34 39.18 -51.73
C ILE B 45 67.39 40.30 -51.69
N CYS B 59 60.19 36.73 -56.23
CA CYS B 59 58.77 36.75 -55.93
C CYS B 59 58.13 38.02 -56.48
N THR B 60 56.92 37.92 -57.08
CA THR B 60 56.22 39.04 -57.70
C THR B 60 54.78 39.22 -57.16
N ARG B 61 54.58 39.20 -55.82
CA ARG B 61 53.26 39.41 -55.20
C ARG B 61 52.80 40.87 -55.33
N GLU B 62 53.73 41.83 -55.12
CA GLU B 62 53.50 43.28 -55.15
C GLU B 62 54.64 43.97 -55.90
N THR B 63 54.36 45.12 -56.54
CA THR B 63 55.33 45.90 -57.31
C THR B 63 56.43 46.49 -56.42
N ARG B 64 57.67 46.57 -56.96
CA ARG B 64 58.85 47.10 -56.26
C ARG B 64 59.50 48.22 -57.06
N PRO B 75 66.79 63.50 -48.85
CA PRO B 75 66.14 62.23 -49.19
C PRO B 75 64.93 62.42 -50.12
N THR B 76 64.66 63.68 -50.54
CA THR B 76 63.56 64.05 -51.44
C THR B 76 63.85 63.51 -52.86
N SER B 77 65.14 63.42 -53.23
CA SER B 77 65.59 62.91 -54.53
C SER B 77 65.87 61.40 -54.45
N VAL B 78 65.00 60.59 -55.08
CA VAL B 78 65.10 59.13 -55.12
C VAL B 78 65.02 58.66 -56.58
N PHE B 84 59.86 45.17 -61.01
CA PHE B 84 58.76 44.35 -61.54
C PHE B 84 57.39 44.87 -61.06
N GLU B 85 56.32 44.42 -61.74
CA GLU B 85 54.93 44.79 -61.43
C GLU B 85 54.27 43.73 -60.52
N GLY B 86 53.16 44.10 -59.89
CA GLY B 86 52.41 43.23 -58.99
C GLY B 86 51.42 42.30 -59.65
N GLN B 87 51.81 41.02 -59.82
CA GLN B 87 50.97 39.97 -60.41
C GLN B 87 50.06 39.43 -59.29
N LYS B 88 48.81 39.91 -59.26
CA LYS B 88 47.80 39.62 -58.24
C LYS B 88 47.05 38.28 -58.43
N GLN B 89 47.06 37.69 -59.64
CA GLN B 89 46.33 36.45 -59.95
C GLN B 89 46.68 35.31 -58.98
N GLY B 90 45.64 34.76 -58.35
CA GLY B 90 45.73 33.68 -57.38
C GLY B 90 46.08 34.13 -55.98
N ASP B 91 45.63 35.35 -55.60
CA ASP B 91 45.84 35.92 -54.26
C ASP B 91 44.88 35.29 -53.26
N THR B 92 43.62 35.09 -53.68
CA THR B 92 42.59 34.48 -52.86
C THR B 92 42.08 33.22 -53.56
N VAL B 93 42.55 32.06 -53.07
CA VAL B 93 42.18 30.73 -53.55
C VAL B 93 41.05 30.19 -52.67
N GLU B 94 39.89 29.90 -53.28
CA GLU B 94 38.74 29.35 -52.56
C GLU B 94 38.86 27.83 -52.51
N MET B 95 38.93 27.27 -51.29
CA MET B 95 39.07 25.84 -51.04
C MET B 95 37.79 25.10 -51.45
N ASP B 96 37.91 24.16 -52.41
CA ASP B 96 36.78 23.36 -52.88
C ASP B 96 36.44 22.27 -51.85
N ASP B 97 35.26 21.64 -51.98
CA ASP B 97 34.77 20.59 -51.07
C ASP B 97 35.74 19.41 -50.92
N ASP B 98 36.55 19.13 -51.96
CA ASP B 98 37.53 18.04 -51.97
C ASP B 98 38.99 18.53 -51.85
N PHE B 99 39.21 19.84 -51.59
CA PHE B 99 40.55 20.42 -51.43
C PHE B 99 41.22 19.89 -50.17
N GLU B 100 42.42 19.30 -50.30
CA GLU B 100 43.15 18.79 -49.14
C GLU B 100 44.65 19.05 -49.24
N PHE B 101 45.12 19.72 -50.30
CA PHE B 101 46.54 20.05 -50.46
C PHE B 101 46.75 21.39 -51.13
N GLY B 102 47.63 22.18 -50.53
CA GLY B 102 48.05 23.50 -51.01
C GLY B 102 49.53 23.75 -50.76
N LEU B 103 50.15 24.49 -51.68
CA LEU B 103 51.57 24.89 -51.61
C LEU B 103 51.66 26.40 -51.72
N CYS B 104 52.31 27.03 -50.73
CA CYS B 104 52.46 28.48 -50.68
C CYS B 104 53.51 28.98 -51.67
N PRO B 105 53.20 30.05 -52.43
CA PRO B 105 54.18 30.58 -53.37
C PRO B 105 55.28 31.36 -52.67
N CYS B 106 56.45 31.52 -53.35
CA CYS B 106 57.65 32.26 -52.89
C CYS B 106 58.27 31.66 -51.60
N ASP B 107 58.02 30.34 -51.34
CA ASP B 107 58.50 29.58 -50.18
C ASP B 107 58.01 30.22 -48.85
N ALA B 108 56.78 30.79 -48.88
CA ALA B 108 56.15 31.43 -47.72
C ALA B 108 55.63 30.39 -46.75
N LYS B 109 55.56 30.77 -45.46
CA LYS B 109 55.09 29.92 -44.36
C LYS B 109 53.55 29.97 -44.28
N PRO B 110 52.84 28.80 -44.21
CA PRO B 110 51.38 28.86 -44.12
C PRO B 110 50.89 29.05 -42.68
N ILE B 111 50.13 30.14 -42.47
CA ILE B 111 49.57 30.48 -41.16
C ILE B 111 48.08 30.15 -41.23
N VAL B 112 47.68 29.15 -40.43
CA VAL B 112 46.32 28.64 -40.38
C VAL B 112 45.54 29.31 -39.26
N ARG B 113 44.43 29.96 -39.63
CA ARG B 113 43.51 30.63 -38.72
C ARG B 113 42.12 30.02 -38.93
N GLY B 114 41.92 28.84 -38.36
CA GLY B 114 40.68 28.08 -38.50
C GLY B 114 39.99 27.69 -37.21
N LYS B 115 38.84 27.00 -37.37
CA LYS B 115 37.96 26.52 -36.30
C LYS B 115 38.69 25.58 -35.34
N TYR B 116 39.54 24.67 -35.87
CA TYR B 116 40.31 23.68 -35.12
C TYR B 116 41.53 23.22 -35.94
N ASN B 117 42.38 22.34 -35.35
CA ASN B 117 43.60 21.86 -36.00
C ASN B 117 43.40 20.54 -36.78
N THR B 118 43.44 20.65 -38.12
CA THR B 118 43.36 19.54 -39.09
C THR B 118 44.61 19.49 -39.94
N THR B 119 45.25 20.67 -40.12
CA THR B 119 46.43 20.93 -40.94
C THR B 119 47.68 20.20 -40.49
N LEU B 120 48.43 19.71 -41.49
CA LEU B 120 49.72 19.02 -41.40
C LEU B 120 50.63 19.79 -42.36
N LEU B 121 51.51 20.61 -41.80
CA LEU B 121 52.37 21.52 -42.57
C LEU B 121 53.84 21.08 -42.63
N ASN B 122 54.50 21.39 -43.75
CA ASN B 122 55.92 21.15 -44.02
C ASN B 122 56.42 22.24 -44.97
N GLY B 123 57.23 23.15 -44.42
CA GLY B 123 57.80 24.30 -45.15
C GLY B 123 56.70 25.13 -45.77
N PRO B 124 56.70 25.31 -47.12
CA PRO B 124 55.61 26.09 -47.74
C PRO B 124 54.36 25.26 -48.01
N ALA B 125 54.47 23.92 -48.03
CA ALA B 125 53.37 23.00 -48.30
C ALA B 125 52.58 22.65 -47.06
N PHE B 126 51.25 22.44 -47.23
CA PHE B 126 50.33 22.07 -46.16
C PHE B 126 49.27 21.10 -46.66
N GLN B 127 48.69 20.29 -45.77
CA GLN B 127 47.64 19.39 -46.20
C GLN B 127 46.51 19.33 -45.17
N MET B 128 45.27 19.34 -45.68
CA MET B 128 44.07 19.26 -44.87
C MET B 128 43.77 17.78 -44.60
N VAL B 129 43.81 17.38 -43.32
CA VAL B 129 43.55 15.99 -42.94
C VAL B 129 42.15 15.91 -42.34
N CYS B 130 41.24 15.19 -43.03
CA CYS B 130 39.83 15.00 -42.67
C CYS B 130 39.17 16.32 -42.17
N PRO B 131 39.17 17.42 -42.96
CA PRO B 131 38.59 18.68 -42.43
C PRO B 131 37.06 18.68 -42.54
N ILE B 132 36.37 17.97 -41.62
CA ILE B 132 34.91 17.90 -41.64
C ILE B 132 34.34 19.01 -40.74
N GLY B 133 33.64 19.96 -41.36
CA GLY B 133 33.02 21.09 -40.67
C GLY B 133 33.97 22.23 -40.40
N TRP B 134 35.20 22.15 -40.97
CA TRP B 134 36.26 23.14 -40.80
C TRP B 134 35.99 24.39 -41.61
N THR B 135 36.16 25.55 -40.96
CA THR B 135 36.04 26.89 -41.52
C THR B 135 37.24 27.71 -41.09
N GLY B 136 37.81 28.44 -42.03
CA GLY B 136 38.97 29.29 -41.75
C GLY B 136 39.81 29.65 -42.95
N THR B 137 40.97 30.27 -42.67
CA THR B 137 41.91 30.73 -43.69
C THR B 137 43.32 30.18 -43.47
N VAL B 138 44.05 29.95 -44.57
CA VAL B 138 45.44 29.49 -44.57
C VAL B 138 46.23 30.54 -45.38
N SER B 139 46.73 31.56 -44.66
CA SER B 139 47.47 32.68 -45.25
C SER B 139 48.97 32.39 -45.34
N CYS B 140 49.51 32.48 -46.57
CA CYS B 140 50.93 32.28 -46.89
C CYS B 140 51.68 33.58 -46.63
N MET B 141 52.61 33.58 -45.66
CA MET B 141 53.29 34.82 -45.25
C MET B 141 54.81 34.81 -45.41
N LEU B 142 55.36 36.02 -45.61
CA LEU B 142 56.79 36.33 -45.71
C LEU B 142 57.09 37.53 -44.80
N ALA B 143 58.18 37.48 -44.02
CA ALA B 143 58.54 38.55 -43.07
C ALA B 143 59.63 39.49 -43.59
N ASN B 144 59.63 40.73 -43.08
CA ASN B 144 60.62 41.75 -43.40
C ASN B 144 61.58 41.83 -42.22
N ARG B 145 62.87 41.48 -42.44
CA ARG B 145 63.89 41.42 -41.39
C ARG B 145 64.12 42.74 -40.63
N ASP B 146 64.06 43.88 -41.32
CA ASP B 146 64.34 45.19 -40.73
C ASP B 146 63.13 45.82 -40.01
N THR B 147 61.88 45.52 -40.46
CA THR B 147 60.67 46.12 -39.88
C THR B 147 59.85 45.13 -39.01
N LEU B 148 60.04 43.81 -39.21
CA LEU B 148 59.39 42.68 -38.52
C LEU B 148 57.94 42.41 -38.98
N ASP B 149 57.38 43.24 -39.88
CA ASP B 149 56.02 43.04 -40.39
C ASP B 149 55.97 41.91 -41.43
N THR B 150 54.82 41.22 -41.52
CA THR B 150 54.62 40.09 -42.44
C THR B 150 53.73 40.49 -43.63
N ALA B 151 54.00 39.90 -44.81
CA ALA B 151 53.22 40.13 -46.04
C ALA B 151 52.60 38.83 -46.55
N VAL B 152 51.29 38.86 -46.84
CA VAL B 152 50.54 37.71 -47.32
C VAL B 152 50.69 37.59 -48.85
N VAL B 153 51.25 36.47 -49.34
CA VAL B 153 51.42 36.27 -50.78
C VAL B 153 50.18 35.59 -51.38
N ARG B 154 49.54 34.69 -50.61
CA ARG B 154 48.35 33.95 -51.02
C ARG B 154 47.49 33.61 -49.81
N THR B 155 46.16 33.67 -49.98
CA THR B 155 45.22 33.36 -48.91
C THR B 155 44.28 32.24 -49.37
N TYR B 156 44.38 31.07 -48.71
CA TYR B 156 43.53 29.92 -48.96
C TYR B 156 42.32 30.09 -48.06
N ARG B 157 41.13 30.33 -48.65
CA ARG B 157 39.93 30.65 -47.89
C ARG B 157 38.83 29.58 -48.00
N ARG B 158 38.17 29.32 -46.86
CA ARG B 158 37.03 28.42 -46.71
C ARG B 158 36.01 29.13 -45.81
N SER B 159 34.96 29.71 -46.43
CA SER B 159 33.91 30.48 -45.76
C SER B 159 32.74 29.59 -45.28
N ARG B 160 32.56 28.40 -45.89
CA ARG B 160 31.49 27.45 -45.53
C ARG B 160 32.11 26.14 -45.04
N PRO B 161 31.49 25.42 -44.06
CA PRO B 161 32.12 24.20 -43.55
C PRO B 161 32.24 23.10 -44.61
N PHE B 162 33.38 22.37 -44.59
CA PHE B 162 33.65 21.26 -45.51
C PHE B 162 32.66 20.12 -45.28
N PRO B 163 32.15 19.45 -46.34
CA PRO B 163 31.22 18.31 -46.10
C PRO B 163 31.99 17.06 -45.68
N TYR B 164 31.29 15.91 -45.55
CA TYR B 164 31.94 14.66 -45.15
C TYR B 164 32.93 14.21 -46.20
N ARG B 165 34.19 14.00 -45.77
CA ARG B 165 35.25 13.50 -46.63
C ARG B 165 35.25 11.98 -46.55
N GLN B 166 35.18 11.32 -47.71
CA GLN B 166 35.12 9.86 -47.83
C GLN B 166 36.47 9.23 -47.46
N GLY B 167 36.41 8.26 -46.55
CA GLY B 167 37.57 7.56 -46.02
C GLY B 167 37.93 7.97 -44.61
N CYS B 168 37.24 9.00 -44.07
CA CYS B 168 37.45 9.53 -42.73
C CYS B 168 36.48 8.90 -41.73
N ILE B 169 36.98 8.61 -40.52
CA ILE B 169 36.21 8.00 -39.43
C ILE B 169 35.75 9.11 -38.48
N THR B 170 34.43 9.24 -38.32
CA THR B 170 33.82 10.30 -37.50
C THR B 170 33.42 9.79 -36.10
N GLN B 171 34.03 8.68 -35.61
CA GLN B 171 33.73 8.14 -34.29
C GLN B 171 35.01 7.82 -33.52
N LYS B 172 35.07 8.27 -32.25
CA LYS B 172 36.21 8.09 -31.35
C LYS B 172 35.78 7.48 -30.02
N VAL B 173 36.55 6.50 -29.51
CA VAL B 173 36.27 5.82 -28.23
C VAL B 173 37.06 6.51 -27.11
N LEU B 174 36.37 7.01 -26.08
CA LEU B 174 36.97 7.63 -24.90
C LEU B 174 36.62 6.79 -23.68
N GLY B 175 37.56 5.94 -23.29
CA GLY B 175 37.38 4.99 -22.20
C GLY B 175 36.62 3.79 -22.71
N GLU B 176 35.35 3.65 -22.29
CA GLU B 176 34.47 2.58 -22.74
C GLU B 176 33.31 3.15 -23.59
N ASP B 177 33.08 4.48 -23.50
CA ASP B 177 32.03 5.20 -24.23
C ASP B 177 32.50 5.61 -25.63
N LEU B 178 31.63 5.39 -26.63
CA LEU B 178 31.88 5.74 -28.03
C LEU B 178 31.27 7.11 -28.32
N TYR B 179 32.12 8.08 -28.68
CA TYR B 179 31.70 9.45 -28.95
C TYR B 179 31.74 9.78 -30.44
N ASP B 180 30.85 10.68 -30.87
CA ASP B 180 30.76 11.18 -32.24
C ASP B 180 31.76 12.34 -32.41
N CYS B 181 32.23 12.58 -33.64
CA CYS B 181 33.15 13.68 -33.93
C CYS B 181 32.34 14.81 -34.60
N ILE B 182 31.99 15.87 -33.83
CA ILE B 182 31.24 17.04 -34.32
C ILE B 182 32.06 17.69 -35.44
N LEU B 183 33.38 17.80 -35.22
CA LEU B 183 34.33 18.37 -36.16
C LEU B 183 35.48 17.40 -36.45
N GLY B 184 35.92 17.39 -37.69
CA GLY B 184 37.03 16.55 -38.16
C GLY B 184 36.77 15.06 -38.23
N GLY B 185 37.86 14.32 -38.44
CA GLY B 185 37.89 12.87 -38.54
C GLY B 185 39.31 12.33 -38.37
N ASN B 186 39.43 11.00 -38.24
CA ASN B 186 40.70 10.27 -38.05
C ASN B 186 41.43 10.82 -36.80
N TRP B 187 42.66 11.39 -36.95
CA TRP B 187 43.40 11.93 -35.81
C TRP B 187 43.06 13.40 -35.54
N THR B 188 42.28 14.03 -36.45
CA THR B 188 41.87 15.44 -36.32
C THR B 188 40.46 15.55 -35.73
N CYS B 189 39.88 14.41 -35.26
CA CYS B 189 38.54 14.33 -34.68
C CYS B 189 38.42 15.16 -33.40
N VAL B 190 37.27 15.86 -33.25
CA VAL B 190 36.92 16.69 -32.10
C VAL B 190 35.59 16.17 -31.51
N THR B 191 35.66 15.60 -30.28
CA THR B 191 34.52 15.04 -29.54
C THR B 191 33.97 16.07 -28.53
N GLY B 192 32.63 16.21 -28.39
CA GLY B 192 31.57 15.49 -29.10
C GLY B 192 30.60 14.79 -28.16
N ASP B 193 29.28 14.83 -28.47
CA ASP B 193 28.24 14.18 -27.71
C ASP B 193 28.26 12.66 -27.97
N GLN B 194 28.01 11.86 -26.93
CA GLN B 194 28.01 10.39 -27.02
C GLN B 194 27.10 9.89 -28.13
N LEU B 195 27.57 8.89 -28.90
CA LEU B 195 26.81 8.30 -30.02
C LEU B 195 25.60 7.51 -29.52
N GLN B 196 24.47 7.64 -30.21
CA GLN B 196 23.22 6.95 -29.86
C GLN B 196 22.98 5.73 -30.73
N TYR B 197 22.36 4.69 -30.14
CA TYR B 197 22.03 3.43 -30.78
C TYR B 197 20.86 3.61 -31.75
N SER B 198 21.11 3.33 -33.05
CA SER B 198 20.11 3.41 -34.13
C SER B 198 19.59 2.02 -34.48
N GLY B 199 20.46 1.02 -34.41
CA GLY B 199 20.17 -0.38 -34.70
C GLY B 199 21.43 -1.24 -34.75
N GLY B 200 21.23 -2.56 -34.86
CA GLY B 200 22.32 -3.53 -34.93
C GLY B 200 22.38 -4.51 -33.77
N SER B 201 23.19 -5.58 -33.94
CA SER B 201 23.38 -6.65 -32.95
C SER B 201 24.22 -6.14 -31.77
N ILE B 202 23.64 -6.20 -30.56
CA ILE B 202 24.28 -5.74 -29.32
C ILE B 202 24.99 -6.91 -28.63
N GLU B 203 26.25 -6.67 -28.23
CA GLU B 203 27.08 -7.63 -27.50
C GLU B 203 26.67 -7.63 -26.03
N SER B 204 26.75 -6.46 -25.36
CA SER B 204 26.41 -6.29 -23.95
C SER B 204 25.83 -4.91 -23.66
N CYS B 205 25.15 -4.76 -22.50
CA CYS B 205 24.54 -3.51 -22.04
C CYS B 205 24.95 -3.19 -20.61
N LYS B 206 25.59 -2.02 -20.40
CA LYS B 206 26.03 -1.60 -19.06
C LYS B 206 25.04 -0.58 -18.48
N TRP B 207 24.31 -1.01 -17.44
CA TRP B 207 23.29 -0.22 -16.75
C TRP B 207 23.53 -0.26 -15.24
N CYS B 208 23.61 0.92 -14.61
CA CYS B 208 23.85 1.16 -13.18
C CYS B 208 25.24 0.63 -12.74
N GLY B 209 26.15 0.51 -13.70
CA GLY B 209 27.52 0.03 -13.47
C GLY B 209 27.69 -1.47 -13.63
N PHE B 210 26.62 -2.18 -14.05
CA PHE B 210 26.63 -3.63 -14.24
C PHE B 210 26.40 -4.01 -15.70
N LYS B 211 27.13 -5.04 -16.18
CA LYS B 211 27.05 -5.55 -17.56
C LYS B 211 25.96 -6.62 -17.70
N PHE B 212 25.13 -6.53 -18.75
CA PHE B 212 24.03 -7.47 -19.03
C PHE B 212 24.06 -7.95 -20.49
N GLN B 213 23.71 -9.22 -20.74
CA GLN B 213 23.69 -9.81 -22.08
C GLN B 213 22.31 -10.45 -22.43
N ARG B 214 21.32 -10.32 -21.53
CA ARG B 214 19.97 -10.89 -21.73
C ARG B 214 18.87 -9.98 -21.18
N SER B 215 17.67 -10.02 -21.83
CA SER B 215 16.47 -9.29 -21.43
C SER B 215 15.88 -9.75 -20.06
N GLU B 216 16.21 -10.98 -19.60
CA GLU B 216 15.72 -11.57 -18.34
C GLU B 216 16.12 -10.73 -17.11
N GLY B 217 15.12 -10.51 -16.23
CA GLY B 217 15.28 -9.79 -14.97
C GLY B 217 15.31 -8.28 -15.07
N LEU B 218 15.33 -7.74 -16.30
CA LEU B 218 15.40 -6.31 -16.56
C LEU B 218 14.02 -5.74 -16.95
N PRO B 219 13.72 -4.44 -16.69
CA PRO B 219 12.40 -3.88 -17.04
C PRO B 219 12.12 -3.92 -18.55
N HIS B 220 13.16 -3.72 -19.37
CA HIS B 220 13.12 -3.75 -20.84
C HIS B 220 14.50 -4.18 -21.35
N TYR B 221 14.77 -4.04 -22.66
CA TYR B 221 16.04 -4.35 -23.30
C TYR B 221 16.07 -3.81 -24.73
N PRO B 222 17.13 -3.08 -25.15
CA PRO B 222 18.35 -2.73 -24.42
C PRO B 222 18.19 -1.55 -23.44
N ILE B 223 19.04 -1.49 -22.38
CA ILE B 223 19.01 -0.44 -21.33
C ILE B 223 20.41 0.21 -21.15
N GLY B 224 20.42 1.50 -20.79
CA GLY B 224 21.61 2.30 -20.51
C GLY B 224 22.50 2.49 -21.71
N LYS B 225 23.80 2.21 -21.54
CA LYS B 225 24.77 2.27 -22.62
C LYS B 225 25.06 0.84 -23.10
N CYS B 226 24.93 0.59 -24.41
CA CYS B 226 25.12 -0.74 -24.98
C CYS B 226 26.18 -0.74 -26.07
N ARG B 227 27.01 -1.78 -26.08
CA ARG B 227 28.08 -2.00 -27.05
C ARG B 227 27.62 -2.96 -28.14
N LEU B 228 27.84 -2.58 -29.41
CA LEU B 228 27.49 -3.40 -30.57
C LEU B 228 28.60 -4.42 -30.83
N LYS B 229 28.35 -5.41 -31.71
CA LYS B 229 29.38 -6.37 -32.07
C LYS B 229 30.36 -5.71 -33.06
N ASN B 230 29.89 -4.65 -33.77
CA ASN B 230 30.68 -3.87 -34.74
C ASN B 230 31.74 -3.02 -34.02
N GLU B 231 31.34 -2.29 -32.97
CA GLU B 231 32.24 -1.39 -32.25
C GLU B 231 32.64 -1.90 -30.86
N THR B 232 33.80 -1.43 -30.40
CA THR B 232 34.41 -1.68 -29.09
C THR B 232 33.78 -0.77 -28.03
N GLY B 233 33.29 0.40 -28.46
CA GLY B 233 32.68 1.40 -27.61
C GLY B 233 31.20 1.23 -27.33
N TYR B 234 30.73 1.82 -26.22
CA TYR B 234 29.34 1.79 -25.75
C TYR B 234 28.53 2.98 -26.28
N ARG B 235 27.31 2.71 -26.77
CA ARG B 235 26.39 3.73 -27.30
C ARG B 235 25.19 3.93 -26.35
N LEU B 236 24.77 5.20 -26.14
CA LEU B 236 23.66 5.52 -25.25
C LEU B 236 22.31 5.11 -25.86
N VAL B 237 21.57 4.27 -25.12
CA VAL B 237 20.25 3.74 -25.51
C VAL B 237 19.15 4.41 -24.67
N ASP B 238 19.29 4.40 -23.32
CA ASP B 238 18.29 4.95 -22.39
C ASP B 238 18.93 5.67 -21.19
N ASN B 239 18.13 6.55 -20.53
CA ASN B 239 18.48 7.25 -19.30
C ASN B 239 17.52 6.83 -18.15
N THR B 240 17.06 5.55 -18.15
CA THR B 240 16.16 5.02 -17.13
C THR B 240 16.86 4.92 -15.78
N SER B 241 16.13 5.30 -14.73
CA SER B 241 16.60 5.35 -13.34
C SER B 241 16.91 3.98 -12.75
N CYS B 242 17.88 3.97 -11.83
CA CYS B 242 18.31 2.80 -11.08
C CYS B 242 17.44 2.65 -9.83
N ASN B 243 16.80 3.77 -9.40
CA ASN B 243 15.88 3.80 -8.27
C ASN B 243 14.57 3.15 -8.73
N ARG B 244 14.42 1.85 -8.42
CA ARG B 244 13.26 1.06 -8.79
C ARG B 244 12.46 0.68 -7.55
N GLU B 245 11.29 1.32 -7.37
CA GLU B 245 10.34 1.14 -6.26
C GLU B 245 11.00 1.38 -4.88
N GLY B 246 11.81 2.43 -4.80
CA GLY B 246 12.50 2.83 -3.57
C GLY B 246 13.78 2.07 -3.30
N VAL B 247 14.26 1.30 -4.30
CA VAL B 247 15.50 0.50 -4.21
C VAL B 247 16.44 0.95 -5.35
N ALA B 248 17.66 1.39 -5.03
CA ALA B 248 18.60 1.85 -6.06
C ALA B 248 19.67 0.80 -6.38
N ILE B 249 19.87 0.55 -7.68
CA ILE B 249 20.86 -0.36 -8.21
C ILE B 249 22.15 0.46 -8.33
N VAL B 250 23.07 0.27 -7.38
CA VAL B 250 24.31 1.03 -7.26
C VAL B 250 25.53 0.07 -7.37
N PRO B 251 26.68 0.47 -8.00
CA PRO B 251 27.83 -0.45 -8.08
C PRO B 251 28.35 -0.89 -6.71
N GLN B 252 28.27 -0.01 -5.70
CA GLN B 252 28.70 -0.27 -4.32
C GLN B 252 27.48 -0.17 -3.40
N GLY B 253 26.89 -1.33 -3.08
CA GLY B 253 25.69 -1.41 -2.27
C GLY B 253 25.79 -2.11 -0.92
N THR B 254 24.61 -2.35 -0.31
CA THR B 254 24.46 -2.98 1.00
C THR B 254 24.23 -4.50 0.85
N VAL B 255 23.27 -4.90 0.00
CA VAL B 255 22.91 -6.31 -0.21
C VAL B 255 23.15 -6.74 -1.67
N LYS B 256 23.68 -7.95 -1.87
CA LYS B 256 23.90 -8.57 -3.18
C LYS B 256 22.62 -9.30 -3.61
N CYS B 257 22.24 -9.20 -4.90
CA CYS B 257 21.07 -9.87 -5.48
C CYS B 257 21.32 -10.14 -6.97
N LYS B 258 20.55 -11.06 -7.59
CA LYS B 258 20.76 -11.40 -8.99
C LYS B 258 19.68 -10.92 -9.95
N ILE B 259 20.13 -10.41 -11.12
CA ILE B 259 19.31 -9.98 -12.26
C ILE B 259 19.81 -10.78 -13.45
N GLY B 260 19.02 -11.78 -13.87
CA GLY B 260 19.36 -12.68 -14.96
C GLY B 260 20.48 -13.62 -14.56
N ASP B 261 21.74 -13.24 -14.87
CA ASP B 261 22.96 -13.97 -14.53
C ASP B 261 23.96 -13.06 -13.80
N THR B 262 23.70 -11.73 -13.82
CA THR B 262 24.53 -10.69 -13.22
C THR B 262 24.29 -10.53 -11.71
N THR B 263 25.39 -10.38 -10.95
CA THR B 263 25.38 -10.12 -9.51
C THR B 263 25.26 -8.61 -9.35
N VAL B 264 24.17 -8.15 -8.73
CA VAL B 264 23.82 -6.74 -8.57
C VAL B 264 23.80 -6.34 -7.08
N GLN B 265 24.34 -5.15 -6.76
CA GLN B 265 24.35 -4.57 -5.41
C GLN B 265 23.23 -3.53 -5.31
N VAL B 266 22.47 -3.54 -4.20
CA VAL B 266 21.33 -2.63 -4.01
C VAL B 266 21.35 -1.89 -2.65
N ILE B 267 20.77 -0.67 -2.63
CA ILE B 267 20.63 0.20 -1.45
C ILE B 267 19.16 0.65 -1.35
N ALA B 268 18.59 0.64 -0.14
CA ALA B 268 17.21 1.06 0.10
C ALA B 268 17.13 2.57 0.33
N LEU B 269 16.11 3.22 -0.26
CA LEU B 269 15.85 4.66 -0.12
C LEU B 269 14.83 4.89 0.99
N ASP B 270 13.78 4.04 1.02
CA ASP B 270 12.71 4.07 2.02
C ASP B 270 12.56 2.71 2.70
N THR B 271 11.90 2.67 3.86
CA THR B 271 11.65 1.43 4.63
C THR B 271 10.20 0.95 4.40
N LYS B 272 9.60 1.35 3.25
CA LYS B 272 8.24 0.98 2.85
C LYS B 272 8.18 -0.49 2.43
N LEU B 273 7.02 -1.15 2.61
CA LEU B 273 6.82 -2.55 2.22
C LEU B 273 6.64 -2.59 0.69
N GLY B 274 7.76 -2.69 -0.02
CA GLY B 274 7.82 -2.71 -1.48
C GLY B 274 8.63 -3.84 -2.07
N PRO B 275 8.50 -4.11 -3.39
CA PRO B 275 9.25 -5.21 -4.00
C PRO B 275 10.72 -4.87 -4.30
N MET B 276 11.55 -5.92 -4.36
CA MET B 276 12.98 -5.83 -4.68
C MET B 276 13.15 -6.01 -6.20
N PRO B 277 13.95 -5.17 -6.89
CA PRO B 277 14.08 -5.30 -8.36
C PRO B 277 14.98 -6.46 -8.82
N CYS B 278 15.31 -7.40 -7.93
CA CYS B 278 16.18 -8.53 -8.25
C CYS B 278 15.71 -9.83 -7.57
N LYS B 279 16.30 -10.96 -7.99
CA LYS B 279 16.07 -12.31 -7.45
C LYS B 279 17.12 -12.59 -6.35
N PRO B 280 16.91 -13.53 -5.39
CA PRO B 280 17.95 -13.77 -4.35
C PRO B 280 19.29 -14.23 -4.90
N TYR B 281 20.39 -13.67 -4.36
CA TYR B 281 21.78 -13.98 -4.75
C TYR B 281 22.16 -15.37 -4.25
N GLU B 282 21.89 -15.65 -2.96
CA GLU B 282 22.21 -16.92 -2.31
C GLU B 282 21.15 -17.26 -1.25
N ILE B 283 20.73 -18.52 -1.23
CA ILE B 283 19.75 -19.01 -0.27
C ILE B 283 20.50 -19.86 0.76
N ILE B 284 20.40 -19.49 2.04
CA ILE B 284 21.07 -20.19 3.15
C ILE B 284 20.07 -21.07 3.91
N SER B 285 20.38 -22.37 4.01
CA SER B 285 19.58 -23.36 4.73
C SER B 285 20.10 -23.48 6.17
N SER B 286 19.18 -23.61 7.14
CA SER B 286 19.49 -23.71 8.58
C SER B 286 20.37 -24.91 8.92
N GLU B 287 20.27 -26.02 8.16
CA GLU B 287 21.08 -27.23 8.36
C GLU B 287 22.50 -27.00 7.85
N LYS B 292 24.30 -23.35 12.10
CA LYS B 292 23.38 -24.27 12.75
C LYS B 292 22.33 -23.49 13.56
N THR B 293 21.11 -23.41 13.02
CA THR B 293 19.97 -22.73 13.64
C THR B 293 18.77 -23.70 13.70
N ALA B 294 18.12 -23.81 14.87
CA ALA B 294 16.99 -24.70 15.10
C ALA B 294 15.64 -23.97 15.01
N CYS B 295 14.58 -24.72 14.62
CA CYS B 295 13.23 -24.17 14.52
C CYS B 295 12.25 -24.96 15.40
N THR B 296 11.61 -24.25 16.35
CA THR B 296 10.61 -24.78 17.29
C THR B 296 9.41 -23.85 17.30
N PHE B 297 8.18 -24.39 17.31
CA PHE B 297 6.97 -23.57 17.27
C PHE B 297 5.79 -24.17 18.06
N ASN B 298 4.80 -23.30 18.38
CA ASN B 298 3.54 -23.65 19.04
C ASN B 298 2.37 -23.30 18.10
N TYR B 299 1.31 -24.11 18.08
CA TYR B 299 0.14 -23.83 17.23
C TYR B 299 -1.19 -24.16 17.93
N THR B 300 -2.26 -23.48 17.52
CA THR B 300 -3.64 -23.66 18.04
C THR B 300 -4.64 -23.72 16.87
N LYS B 301 -5.88 -24.17 17.14
CA LYS B 301 -6.94 -24.21 16.13
C LYS B 301 -7.65 -22.85 16.11
N THR B 302 -7.89 -22.31 14.91
CA THR B 302 -8.53 -21.01 14.72
C THR B 302 -9.50 -21.07 13.50
N LEU B 303 -10.17 -19.94 13.20
CA LEU B 303 -11.07 -19.83 12.05
C LEU B 303 -10.32 -19.20 10.87
N LYS B 304 -10.87 -19.29 9.65
CA LYS B 304 -10.26 -18.76 8.42
C LYS B 304 -10.03 -17.26 8.51
N ASN B 305 -8.74 -16.87 8.50
CA ASN B 305 -8.19 -15.51 8.59
C ASN B 305 -8.62 -14.78 9.89
N LYS B 306 -8.92 -15.55 10.95
CA LYS B 306 -9.30 -15.03 12.26
C LYS B 306 -8.17 -15.31 13.23
N TYR B 307 -7.63 -14.27 13.88
CA TYR B 307 -6.46 -14.39 14.75
C TYR B 307 -6.70 -14.07 16.23
N PHE B 308 -5.84 -14.63 17.10
CA PHE B 308 -5.81 -14.34 18.53
C PHE B 308 -4.80 -13.24 18.76
N GLU B 309 -4.97 -12.45 19.82
CA GLU B 309 -4.15 -11.30 20.23
C GLU B 309 -2.60 -11.45 20.04
N PRO B 310 -1.90 -12.55 20.44
CA PRO B 310 -0.42 -12.55 20.30
C PRO B 310 0.09 -12.56 18.88
N ARG B 311 1.02 -11.62 18.55
CA ARG B 311 1.73 -11.50 17.26
C ARG B 311 3.10 -12.13 17.42
N ASP B 312 3.52 -13.05 16.51
CA ASP B 312 4.82 -13.72 16.61
C ASP B 312 5.91 -12.70 16.89
N SER B 313 6.47 -12.75 18.13
CA SER B 313 7.48 -11.83 18.66
C SER B 313 8.58 -11.48 17.65
N TYR B 314 9.08 -12.48 16.91
CA TYR B 314 10.15 -12.31 15.93
C TYR B 314 9.61 -11.75 14.59
N PHE B 315 8.41 -12.15 14.16
CA PHE B 315 7.87 -11.69 12.87
C PHE B 315 6.99 -10.44 12.97
N GLN B 316 6.40 -10.17 14.17
CA GLN B 316 5.50 -9.04 14.46
C GLN B 316 4.29 -9.04 13.48
N GLN B 317 3.72 -10.24 13.26
CA GLN B 317 2.58 -10.48 12.37
C GLN B 317 1.81 -11.74 12.79
N TYR B 318 0.47 -11.74 12.58
CA TYR B 318 -0.39 -12.88 12.90
C TYR B 318 -0.14 -14.01 11.89
N MET B 319 0.53 -15.08 12.33
CA MET B 319 0.90 -16.23 11.51
C MET B 319 -0.32 -17.14 11.33
N LEU B 320 -1.03 -16.98 10.20
CA LEU B 320 -2.25 -17.75 9.93
C LEU B 320 -2.20 -18.58 8.66
N LYS B 321 -2.67 -19.83 8.75
CA LYS B 321 -2.80 -20.80 7.66
C LYS B 321 -4.06 -21.64 7.86
N GLY B 322 -5.02 -21.47 6.95
CA GLY B 322 -6.30 -22.18 6.96
C GLY B 322 -7.09 -22.06 8.24
N GLU B 323 -6.98 -23.09 9.10
CA GLU B 323 -7.67 -23.15 10.39
C GLU B 323 -6.67 -23.27 11.56
N TYR B 324 -5.40 -22.84 11.37
CA TYR B 324 -4.38 -22.92 12.41
C TYR B 324 -3.49 -21.67 12.48
N GLN B 325 -3.27 -21.16 13.72
CA GLN B 325 -2.41 -20.01 14.01
C GLN B 325 -1.09 -20.52 14.61
N TYR B 326 0.04 -19.91 14.22
CA TYR B 326 1.37 -20.35 14.65
C TYR B 326 2.14 -19.27 15.41
N TRP B 327 3.14 -19.71 16.21
CA TRP B 327 4.05 -18.87 17.00
C TRP B 327 5.41 -19.54 17.01
N PHE B 328 6.39 -18.93 16.32
CA PHE B 328 7.73 -19.49 16.15
C PHE B 328 8.74 -18.98 17.18
N ASP B 329 9.75 -19.83 17.46
CA ASP B 329 10.90 -19.58 18.33
C ASP B 329 12.16 -20.02 17.59
N LEU B 330 13.11 -19.09 17.40
CA LEU B 330 14.34 -19.41 16.67
C LEU B 330 15.60 -19.15 17.48
N GLU B 331 16.48 -20.16 17.48
CA GLU B 331 17.79 -20.18 18.15
C GLU B 331 18.87 -19.55 17.25
#